data_7EQL
#
_entry.id   7EQL
#
_cell.length_a   120.111
_cell.length_b   120.111
_cell.length_c   57.626
_cell.angle_alpha   90.000
_cell.angle_beta   90.000
_cell.angle_gamma   120.000
#
_symmetry.space_group_name_H-M   'P 62'
#
_entity_poly.entity_id   1
_entity_poly.type   'polypeptide(L)'
_entity_poly.pdbx_seq_one_letter_code
;MVMNKQIVLNNYINGSLKQSDLALRTSTICMEIPDGCNGAILVKNLYLSVNPYLILRMGKLDIPQFDSILPGSTIVSYGV
SKVLDSTHPSYEKGELIWGSQAGWEEYTLIQNPYNLFKIQDKDVPLSYYVGILGMPGMTAYAGFFEICSPKKGETVFVTA
AAGSVGQLVGQFAKMFGCYVVGSAGSKEKVDLLKNKFGFDDAFNYKEESDYDTALKRHFPEGIDIYFDNVGGKMLEAVIN
NMRVHGRIAVCGMVSQYSLKQPEGVHNLLKLIPKQIRMQGFVVVDYYHLYPKFLEMVLPRIKEGKVTYVEDISEGLESAP
SALLGVYVGRNVGNQVVAVSRE
;
_entity_poly.pdbx_strand_id   A
#
# COMPACT_ATOMS: atom_id res chain seq x y z
N MET A 1 -0.67 -4.22 -33.41
CA MET A 1 0.16 -3.40 -34.29
C MET A 1 1.46 -3.04 -33.59
N VAL A 2 1.47 -3.19 -32.27
CA VAL A 2 2.67 -3.04 -31.46
C VAL A 2 2.70 -4.15 -30.43
N MET A 3 3.89 -4.61 -30.10
CA MET A 3 4.03 -5.70 -29.14
C MET A 3 3.83 -5.19 -27.72
N ASN A 4 3.19 -6.01 -26.89
CA ASN A 4 2.91 -5.66 -25.50
C ASN A 4 3.38 -6.80 -24.61
N LYS A 5 4.26 -6.49 -23.66
CA LYS A 5 4.82 -7.49 -22.76
C LYS A 5 3.99 -7.51 -21.49
N GLN A 6 3.32 -8.63 -21.24
CA GLN A 6 2.52 -8.83 -20.05
C GLN A 6 3.28 -9.62 -19.00
N ILE A 7 2.86 -9.46 -17.75
CA ILE A 7 3.36 -10.27 -16.64
C ILE A 7 2.16 -10.94 -15.98
N VAL A 8 2.12 -12.27 -16.02
CA VAL A 8 1.00 -13.03 -15.48
C VAL A 8 1.50 -13.90 -14.33
N LEU A 9 0.54 -14.41 -13.58
CA LEU A 9 0.80 -15.31 -12.45
C LEU A 9 0.85 -16.75 -12.94
N ASN A 10 1.23 -17.67 -12.05
CA ASN A 10 1.24 -19.09 -12.39
C ASN A 10 0.55 -19.99 -11.38
N ASN A 11 0.31 -19.54 -10.15
CA ASN A 11 -0.46 -20.32 -9.20
C ASN A 11 -0.83 -19.46 -8.00
N TYR A 12 -1.91 -19.86 -7.34
CA TYR A 12 -2.31 -19.24 -6.08
C TYR A 12 -1.17 -19.31 -5.08
N ILE A 13 -0.90 -18.18 -4.42
CA ILE A 13 0.22 -18.10 -3.49
C ILE A 13 -0.27 -18.34 -2.07
N ASN A 14 -0.37 -19.61 -1.69
CA ASN A 14 -0.67 -19.94 -0.30
C ASN A 14 0.52 -19.64 0.59
N GLY A 15 1.73 -19.93 0.12
CA GLY A 15 2.92 -19.66 0.88
C GLY A 15 4.13 -20.10 0.08
N SER A 16 5.31 -19.72 0.59
CA SER A 16 6.59 -20.01 -0.06
C SER A 16 6.59 -19.54 -1.51
N LEU A 17 6.70 -18.21 -1.65
CA LEU A 17 6.65 -17.59 -2.96
C LEU A 17 7.87 -18.00 -3.79
N LYS A 18 7.61 -18.40 -5.04
CA LYS A 18 8.65 -18.73 -5.99
C LYS A 18 8.55 -17.80 -7.20
N GLN A 19 9.70 -17.33 -7.69
CA GLN A 19 9.69 -16.44 -8.84
C GLN A 19 9.16 -17.11 -10.09
N SER A 20 9.14 -18.45 -10.12
CA SER A 20 8.55 -19.18 -11.23
C SER A 20 7.04 -19.00 -11.32
N ASP A 21 6.41 -18.45 -10.29
CA ASP A 21 4.96 -18.20 -10.31
C ASP A 21 4.59 -16.98 -11.14
N LEU A 22 5.55 -16.32 -11.78
CA LEU A 22 5.28 -15.15 -12.62
C LEU A 22 5.85 -15.43 -14.01
N ALA A 23 4.97 -15.57 -14.99
CA ALA A 23 5.35 -15.90 -16.36
C ALA A 23 5.35 -14.62 -17.19
N LEU A 24 6.53 -14.24 -17.66
CA LEU A 24 6.69 -13.05 -18.50
C LEU A 24 6.42 -13.43 -19.95
N ARG A 25 5.35 -12.87 -20.52
CA ARG A 25 4.95 -13.17 -21.88
C ARG A 25 5.04 -11.91 -22.75
N THR A 26 5.02 -12.12 -24.06
CA THR A 26 5.01 -11.04 -25.04
C THR A 26 3.77 -11.19 -25.92
N SER A 27 2.89 -10.21 -25.87
CA SER A 27 1.65 -10.24 -26.63
C SER A 27 1.58 -9.06 -27.58
N THR A 28 0.56 -9.09 -28.44
CA THR A 28 0.29 -8.01 -29.37
C THR A 28 -0.84 -7.13 -28.84
N ILE A 29 -0.86 -5.88 -29.28
CA ILE A 29 -1.94 -4.96 -28.96
C ILE A 29 -1.99 -3.89 -30.05
N CYS A 30 -3.21 -3.56 -30.47
CA CYS A 30 -3.38 -2.49 -31.45
C CYS A 30 -3.18 -1.14 -30.79
N MET A 31 -2.51 -0.23 -31.49
CA MET A 31 -2.19 1.07 -30.92
C MET A 31 -3.38 2.01 -30.89
N GLU A 32 -4.56 1.57 -31.29
CA GLU A 32 -5.75 2.40 -31.20
C GLU A 32 -6.96 1.49 -30.90
N ILE A 33 -8.03 2.12 -30.44
CA ILE A 33 -9.19 1.36 -29.94
C ILE A 33 -9.97 0.79 -31.11
N PRO A 34 -10.45 -0.45 -31.04
CA PRO A 34 -11.25 -1.01 -32.13
C PRO A 34 -12.59 -0.30 -32.26
N ASP A 35 -13.24 -0.54 -33.39
CA ASP A 35 -14.55 0.05 -33.64
C ASP A 35 -15.60 -0.53 -32.70
N GLY A 36 -16.66 0.25 -32.47
CA GLY A 36 -17.73 -0.15 -31.59
C GLY A 36 -17.27 -0.38 -30.17
N CYS A 37 -16.62 0.62 -29.59
CA CYS A 37 -16.02 0.51 -28.26
C CYS A 37 -15.96 1.92 -27.64
N ASN A 38 -17.12 2.46 -27.31
CA ASN A 38 -17.19 3.80 -26.72
C ASN A 38 -16.92 3.74 -25.22
N GLY A 39 -16.51 4.87 -24.67
CA GLY A 39 -16.23 4.97 -23.25
C GLY A 39 -15.06 4.13 -22.80
N ALA A 40 -13.97 4.17 -23.55
CA ALA A 40 -12.78 3.40 -23.23
C ALA A 40 -11.54 4.21 -23.60
N ILE A 41 -10.43 3.88 -22.94
CA ILE A 41 -9.16 4.54 -23.18
C ILE A 41 -8.08 3.48 -23.31
N LEU A 42 -7.14 3.69 -24.24
CA LEU A 42 -5.97 2.86 -24.40
C LEU A 42 -4.76 3.63 -23.88
N VAL A 43 -4.07 3.07 -22.89
CA VAL A 43 -3.05 3.78 -22.15
C VAL A 43 -1.71 3.07 -22.28
N LYS A 44 -0.63 3.84 -22.15
CA LYS A 44 0.72 3.32 -22.04
C LYS A 44 1.16 3.47 -20.59
N ASN A 45 1.30 2.35 -19.89
CA ASN A 45 1.66 2.40 -18.48
C ASN A 45 3.07 2.98 -18.32
N LEU A 46 3.38 3.40 -17.09
CA LEU A 46 4.66 4.03 -16.80
C LEU A 46 5.26 3.50 -15.51
N TYR A 47 4.63 3.80 -14.38
CA TYR A 47 5.08 3.34 -13.07
C TYR A 47 3.97 2.52 -12.43
N LEU A 48 4.34 1.37 -11.87
CA LEU A 48 3.40 0.46 -11.22
C LEU A 48 3.74 0.32 -9.75
N SER A 49 2.72 0.11 -8.93
CA SER A 49 2.88 -0.06 -7.50
C SER A 49 3.09 -1.53 -7.15
N VAL A 50 3.94 -1.76 -6.15
CA VAL A 50 4.17 -3.09 -5.60
C VAL A 50 4.09 -3.00 -4.08
N ASN A 51 2.87 -3.08 -3.56
CA ASN A 51 2.61 -2.99 -2.14
C ASN A 51 2.02 -4.31 -1.62
N PRO A 52 2.11 -4.57 -0.31
CA PRO A 52 1.71 -5.88 0.23
C PRO A 52 0.29 -6.33 -0.11
N TYR A 53 -0.60 -5.38 -0.41
CA TYR A 53 -1.99 -5.73 -0.70
C TYR A 53 -2.13 -6.63 -1.92
N LEU A 54 -1.16 -6.61 -2.84
CA LEU A 54 -1.27 -7.45 -4.02
C LEU A 54 -1.06 -8.93 -3.67
N ILE A 55 -0.23 -9.22 -2.67
CA ILE A 55 -0.06 -10.59 -2.23
C ILE A 55 -1.35 -11.14 -1.64
N LEU A 56 -2.10 -10.30 -0.92
CA LEU A 56 -3.43 -10.68 -0.44
C LEU A 56 -4.35 -10.98 -1.61
N ARG A 57 -4.22 -10.25 -2.73
CA ARG A 57 -5.04 -10.49 -3.89
C ARG A 57 -4.80 -11.85 -4.50
N MET A 58 -3.84 -12.59 -3.97
CA MET A 58 -3.50 -13.91 -4.50
C MET A 58 -3.91 -15.03 -3.54
N GLY A 59 -4.78 -14.69 -2.60
CA GLY A 59 -5.14 -15.53 -1.48
C GLY A 59 -5.77 -16.87 -1.79
N LYS A 60 -6.60 -16.93 -2.83
CA LYS A 60 -7.42 -18.09 -3.11
C LYS A 60 -8.67 -18.10 -2.24
N LEU A 61 -9.02 -16.92 -1.75
CA LEU A 61 -10.22 -16.71 -0.96
C LEU A 61 -11.41 -16.52 -1.88
N ASP A 62 -12.54 -16.10 -1.32
CA ASP A 62 -13.76 -15.98 -2.12
C ASP A 62 -13.52 -15.00 -3.26
N PRO A 64 -14.39 -12.52 -5.33
CA PRO A 64 -14.70 -11.09 -5.41
C PRO A 64 -13.43 -10.23 -5.42
N GLN A 65 -13.28 -9.41 -6.45
CA GLN A 65 -12.12 -8.55 -6.60
C GLN A 65 -10.83 -9.36 -6.55
N PHE A 66 -10.97 -10.66 -6.33
CA PHE A 66 -9.82 -11.54 -6.24
C PHE A 66 -9.01 -11.53 -7.55
N ASP A 67 -7.71 -11.36 -7.42
CA ASP A 67 -6.81 -11.29 -8.56
C ASP A 67 -6.55 -12.68 -9.16
N SER A 68 -5.81 -13.50 -8.41
CA SER A 68 -5.46 -14.84 -8.87
C SER A 68 -6.63 -15.56 -9.50
N PRO A 71 -4.65 -18.44 -12.49
CA PRO A 71 -3.23 -18.05 -12.48
C PRO A 71 -2.80 -17.39 -13.79
N GLY A 72 -3.28 -17.89 -14.93
CA GLY A 72 -2.92 -17.33 -16.22
C GLY A 72 -3.38 -15.90 -16.45
N SER A 73 -4.37 -15.43 -15.69
CA SER A 73 -4.89 -14.09 -15.91
C SER A 73 -3.81 -13.03 -15.66
N THR A 74 -3.89 -11.94 -16.41
CA THR A 74 -2.88 -10.88 -16.33
C THR A 74 -3.05 -10.09 -15.03
N ILE A 75 -1.93 -9.70 -14.43
CA ILE A 75 -1.94 -8.99 -13.16
C ILE A 75 -2.34 -7.54 -13.40
N VAL A 76 -3.26 -7.03 -12.57
CA VAL A 76 -3.76 -5.67 -12.67
C VAL A 76 -3.70 -5.03 -11.29
N SER A 77 -3.18 -3.81 -11.23
CA SER A 77 -3.07 -3.08 -9.97
C SER A 77 -2.98 -1.59 -10.28
N TYR A 78 -2.47 -0.81 -9.33
CA TYR A 78 -2.35 0.63 -9.51
C TYR A 78 -1.14 0.99 -10.35
N GLY A 79 -1.23 2.10 -11.07
CA GLY A 79 -0.13 2.54 -11.90
C GLY A 79 -0.42 3.88 -12.55
N VAL A 80 0.65 4.46 -13.10
CA VAL A 80 0.56 5.70 -13.87
C VAL A 80 0.56 5.35 -15.36
N SER A 81 -0.32 5.98 -16.12
CA SER A 81 -0.48 5.66 -17.53
C SER A 81 -0.82 6.91 -18.33
N LYS A 82 -0.30 6.99 -19.55
CA LYS A 82 -0.58 8.08 -20.46
C LYS A 82 -1.65 7.64 -21.45
N VAL A 83 -2.69 8.46 -21.59
CA VAL A 83 -3.75 8.17 -22.56
C VAL A 83 -3.19 8.34 -23.97
N LEU A 84 -3.21 7.26 -24.74
CA LEU A 84 -2.77 7.31 -26.14
C LEU A 84 -3.92 7.58 -27.09
N ASP A 85 -5.03 6.86 -26.93
CA ASP A 85 -6.25 7.14 -27.66
C ASP A 85 -7.42 6.93 -26.70
N SER A 86 -8.58 7.49 -27.06
CA SER A 86 -9.69 7.51 -26.12
C SER A 86 -11.03 7.53 -26.85
N THR A 87 -12.00 6.84 -26.28
CA THR A 87 -13.41 7.01 -26.62
C THR A 87 -14.21 7.50 -25.42
N HIS A 88 -13.53 7.99 -24.39
CA HIS A 88 -14.16 8.58 -23.22
C HIS A 88 -13.85 10.07 -23.22
N PRO A 89 -14.83 10.95 -23.44
CA PRO A 89 -14.51 12.38 -23.64
C PRO A 89 -13.84 13.05 -22.45
N SER A 90 -13.78 12.39 -21.29
CA SER A 90 -13.02 12.92 -20.16
C SER A 90 -11.52 12.81 -20.36
N TYR A 91 -11.07 12.10 -21.39
CA TYR A 91 -9.66 11.86 -21.61
C TYR A 91 -9.35 12.01 -23.10
N GLU A 92 -8.14 12.49 -23.39
CA GLU A 92 -7.64 12.55 -24.76
C GLU A 92 -6.15 12.23 -24.73
N LYS A 93 -5.56 12.17 -25.93
CA LYS A 93 -4.17 11.74 -26.07
C LYS A 93 -3.23 12.66 -25.32
N GLY A 94 -2.21 12.06 -24.69
CA GLY A 94 -1.22 12.80 -23.94
C GLY A 94 -1.57 13.04 -22.49
N GLU A 95 -2.79 12.75 -22.07
CA GLU A 95 -3.20 12.99 -20.69
C GLU A 95 -2.71 11.87 -19.79
N LEU A 96 -2.26 12.23 -18.60
CA LEU A 96 -1.76 11.28 -17.62
C LEU A 96 -2.82 11.06 -16.54
N ILE A 97 -2.92 9.82 -16.05
CA ILE A 97 -3.84 9.47 -14.99
C ILE A 97 -3.24 8.37 -14.13
N TRP A 98 -3.93 7.99 -13.06
CA TRP A 98 -3.52 6.87 -12.23
C TRP A 98 -4.76 6.26 -11.61
N GLY A 99 -4.78 4.93 -11.54
CA GLY A 99 -5.93 4.23 -10.99
C GLY A 99 -5.61 2.76 -10.81
N SER A 100 -6.61 2.04 -10.32
CA SER A 100 -6.48 0.62 -10.01
C SER A 100 -6.62 -0.29 -11.23
N GLN A 101 -6.70 0.28 -12.44
CA GLN A 101 -6.95 -0.49 -13.65
C GLN A 101 -5.71 -0.59 -14.54
N ALA A 102 -4.53 -0.41 -13.98
CA ALA A 102 -3.29 -0.50 -14.74
C ALA A 102 -2.79 -1.93 -14.72
N GLY A 103 -2.65 -2.53 -15.90
CA GLY A 103 -2.12 -3.87 -15.99
C GLY A 103 -0.60 -3.88 -15.94
N TRP A 104 -0.04 -5.03 -15.58
CA TRP A 104 1.41 -5.22 -15.56
C TRP A 104 1.88 -5.49 -16.99
N GLU A 105 1.78 -4.45 -17.80
CA GLU A 105 2.06 -4.52 -19.22
C GLU A 105 2.46 -3.13 -19.70
N GLU A 106 2.96 -3.07 -20.94
CA GLU A 106 3.37 -1.78 -21.50
C GLU A 106 2.17 -0.95 -21.93
N TYR A 107 1.18 -1.58 -22.56
CA TYR A 107 -0.02 -0.90 -23.02
C TYR A 107 -1.25 -1.63 -22.50
N THR A 108 -2.16 -0.88 -21.89
CA THR A 108 -3.38 -1.44 -21.30
C THR A 108 -4.60 -0.82 -21.95
N LEU A 109 -5.57 -1.67 -22.28
CA LEU A 109 -6.85 -1.23 -22.83
C LEU A 109 -7.88 -1.24 -21.70
N ILE A 110 -8.19 -0.05 -21.17
CA ILE A 110 -9.15 0.10 -20.09
C ILE A 110 -10.51 0.38 -20.72
N GLN A 111 -11.46 -0.53 -20.51
CA GLN A 111 -12.73 -0.49 -21.23
C GLN A 111 -13.84 0.25 -20.49
N ASN A 112 -13.72 0.41 -19.18
CA ASN A 112 -14.72 1.16 -18.41
C ASN A 112 -14.04 1.77 -17.18
N PRO A 113 -13.30 2.87 -17.37
CA PRO A 113 -12.61 3.49 -16.24
C PRO A 113 -13.59 4.14 -15.28
N TYR A 114 -13.31 3.98 -13.98
CA TYR A 114 -14.24 4.50 -12.98
C TYR A 114 -13.53 5.36 -11.93
N ASN A 115 -12.53 4.80 -11.25
CA ASN A 115 -11.84 5.51 -10.18
C ASN A 115 -10.58 6.22 -10.66
N LEU A 116 -10.44 6.44 -11.96
CA LEU A 116 -9.28 7.15 -12.48
C LEU A 116 -9.29 8.60 -12.03
N PHE A 117 -8.12 9.09 -11.67
CA PHE A 117 -7.94 10.47 -11.24
C PHE A 117 -6.94 11.21 -12.14
N LYS A 118 -7.31 12.41 -12.58
CA LYS A 118 -6.45 13.21 -13.46
C LYS A 118 -5.17 13.66 -12.76
N ILE A 119 -4.07 13.69 -13.52
CA ILE A 119 -2.77 13.99 -12.93
C ILE A 119 -2.62 15.38 -12.32
N GLN A 120 -3.09 16.41 -13.01
CA GLN A 120 -2.97 17.76 -12.48
C GLN A 120 -1.52 18.01 -12.09
N ASP A 121 -0.62 17.70 -13.02
CA ASP A 121 0.75 17.29 -12.71
C ASP A 121 1.63 18.29 -11.94
N LYS A 122 1.58 19.56 -12.30
CA LYS A 122 2.45 20.53 -11.66
C LYS A 122 3.92 20.11 -11.82
N ASP A 123 4.69 20.17 -10.74
CA ASP A 123 6.11 19.79 -10.79
C ASP A 123 6.51 18.56 -9.97
N VAL A 124 5.54 17.93 -9.30
CA VAL A 124 5.79 16.79 -8.43
C VAL A 124 6.35 15.64 -9.28
N PRO A 125 7.28 14.85 -8.76
CA PRO A 125 7.70 13.64 -9.49
C PRO A 125 6.51 12.76 -9.84
N LEU A 126 6.59 12.12 -11.01
CA LEU A 126 5.46 11.35 -11.52
C LEU A 126 5.23 10.06 -10.75
N SER A 127 6.24 9.59 -10.01
CA SER A 127 6.11 8.37 -9.22
C SER A 127 5.31 8.57 -7.95
N TYR A 128 5.02 9.81 -7.55
CA TYR A 128 4.34 10.05 -6.30
C TYR A 128 2.84 9.90 -6.40
N TYR A 129 2.28 9.90 -7.61
CA TYR A 129 0.89 9.51 -7.79
C TYR A 129 0.70 8.00 -7.69
N VAL A 130 1.78 7.26 -7.50
CA VAL A 130 1.74 5.87 -7.09
C VAL A 130 2.06 5.70 -5.61
N GLY A 131 2.69 6.68 -4.98
CA GLY A 131 3.00 6.61 -3.57
C GLY A 131 2.12 7.48 -2.69
N ILE A 132 2.58 8.70 -2.37
CA ILE A 132 1.84 9.58 -1.47
C ILE A 132 0.51 9.98 -2.11
N LEU A 133 0.58 10.55 -3.32
CA LEU A 133 -0.61 11.10 -3.97
C LEU A 133 -1.50 10.01 -4.56
N GLY A 134 -1.14 8.74 -4.42
CA GLY A 134 -1.94 7.66 -4.97
C GLY A 134 -2.60 6.81 -3.91
N MET A 135 -2.71 5.51 -4.18
CA MET A 135 -3.36 4.59 -3.24
C MET A 135 -2.67 4.53 -1.89
N PRO A 136 -1.34 4.40 -1.78
CA PRO A 136 -0.74 4.30 -0.43
C PRO A 136 -1.04 5.48 0.48
N GLY A 137 -0.82 6.71 0.01
CA GLY A 137 -1.15 7.87 0.82
C GLY A 137 -2.63 7.95 1.12
N MET A 138 -3.47 7.59 0.15
CA MET A 138 -4.91 7.56 0.38
C MET A 138 -5.28 6.46 1.38
N THR A 139 -4.53 5.36 1.41
CA THR A 139 -4.78 4.30 2.37
C THR A 139 -4.41 4.74 3.77
N ALA A 140 -3.22 5.33 3.93
CA ALA A 140 -2.79 5.80 5.25
C ALA A 140 -3.73 6.87 5.79
N TYR A 141 -4.19 7.77 4.92
CA TYR A 141 -5.12 8.82 5.35
C TYR A 141 -6.46 8.23 5.75
N ALA A 142 -7.01 7.35 4.92
CA ALA A 142 -8.31 6.77 5.21
C ALA A 142 -8.27 5.88 6.44
N GLY A 143 -7.20 5.11 6.60
CA GLY A 143 -7.11 4.20 7.73
C GLY A 143 -6.95 4.90 9.07
N PHE A 144 -6.39 6.10 9.06
CA PHE A 144 -6.10 6.80 10.32
C PHE A 144 -7.27 7.68 10.76
N PHE A 145 -7.63 8.68 9.94
CA PHE A 145 -8.59 9.68 10.39
C PHE A 145 -10.03 9.16 10.33
N GLU A 146 -10.36 8.33 9.33
CA GLU A 146 -11.73 7.84 9.20
C GLU A 146 -11.98 6.64 10.11
N ILE A 147 -11.05 5.69 10.14
CA ILE A 147 -11.29 4.46 10.90
C ILE A 147 -11.02 4.68 12.39
N CYS A 148 -9.86 5.25 12.72
CA CYS A 148 -9.42 5.28 14.11
C CYS A 148 -9.97 6.45 14.91
N SER A 149 -10.63 7.40 14.26
CA SER A 149 -11.18 8.59 14.92
C SER A 149 -10.19 9.21 15.91
N PRO A 150 -9.03 9.65 15.43
CA PRO A 150 -7.96 10.05 16.37
C PRO A 150 -8.29 11.34 17.09
N LYS A 151 -8.07 11.34 18.39
CA LYS A 151 -8.18 12.53 19.22
C LYS A 151 -6.79 13.08 19.53
N LYS A 152 -6.76 14.36 19.89
CA LYS A 152 -5.48 15.04 20.10
C LYS A 152 -4.78 14.46 21.32
N GLY A 153 -3.52 14.07 21.15
CA GLY A 153 -2.73 13.54 22.24
C GLY A 153 -3.11 12.13 22.65
N GLU A 154 -3.17 11.23 21.67
CA GLU A 154 -3.44 9.82 21.93
C GLU A 154 -2.26 8.98 21.46
N THR A 155 -2.11 7.80 22.07
CA THR A 155 -1.02 6.90 21.71
C THR A 155 -1.35 6.16 20.43
N VAL A 156 -0.42 6.24 19.47
CA VAL A 156 -0.58 5.60 18.17
C VAL A 156 0.63 4.69 17.92
N PHE A 157 0.37 3.56 17.27
CA PHE A 157 1.41 2.58 16.96
C PHE A 157 1.17 2.03 15.57
N VAL A 158 2.25 1.91 14.79
CA VAL A 158 2.17 1.53 13.39
C VAL A 158 3.12 0.37 13.13
N THR A 159 2.59 -0.72 12.58
CA THR A 159 3.40 -1.85 12.16
C THR A 159 3.90 -1.67 10.74
N ALA A 160 5.08 -2.20 10.46
CA ALA A 160 5.72 -2.09 9.16
C ALA A 160 5.78 -0.63 8.70
N ALA A 161 6.24 0.24 9.61
CA ALA A 161 6.30 1.68 9.34
C ALA A 161 7.30 2.04 8.25
N ALA A 162 8.01 1.06 7.69
CA ALA A 162 8.84 1.30 6.51
C ALA A 162 8.10 1.02 5.22
N GLY A 163 6.94 0.37 5.29
CA GLY A 163 6.19 0.01 4.10
C GLY A 163 5.59 1.22 3.40
N SER A 164 4.84 0.92 2.34
CA SER A 164 4.25 1.97 1.51
C SER A 164 3.19 2.77 2.24
N VAL A 165 2.64 2.24 3.33
CA VAL A 165 1.57 2.91 4.07
C VAL A 165 2.05 3.41 5.42
N GLY A 166 2.83 2.60 6.14
CA GLY A 166 3.17 2.93 7.52
C GLY A 166 3.99 4.19 7.66
N GLN A 167 4.89 4.45 6.70
CA GLN A 167 5.73 5.64 6.76
C GLN A 167 4.90 6.92 6.68
N LEU A 168 3.67 6.83 6.20
CA LEU A 168 2.78 7.99 6.14
C LEU A 168 1.85 8.05 7.35
N VAL A 169 1.45 6.91 7.90
CA VAL A 169 0.57 6.90 9.06
C VAL A 169 1.23 7.61 10.24
N GLY A 170 2.51 7.36 10.45
CA GLY A 170 3.21 7.99 11.56
C GLY A 170 3.41 9.48 11.37
N GLN A 171 3.69 9.90 10.13
CA GLN A 171 3.88 11.32 9.86
C GLN A 171 2.57 12.09 10.04
N PHE A 172 1.46 11.53 9.53
CA PHE A 172 0.17 12.18 9.72
C PHE A 172 -0.19 12.27 11.19
N ALA A 173 0.17 11.25 11.97
CA ALA A 173 -0.31 11.14 13.34
C ALA A 173 0.41 12.09 14.29
N LYS A 174 1.74 12.26 14.12
CA LYS A 174 2.44 13.21 14.96
C LYS A 174 2.11 14.64 14.55
N MET A 175 2.06 14.91 13.25
CA MET A 175 1.60 16.22 12.79
C MET A 175 0.15 16.47 13.17
N PHE A 176 -0.63 15.42 13.38
CA PHE A 176 -1.96 15.59 13.95
C PHE A 176 -1.87 16.06 15.40
N GLY A 177 -0.91 15.51 16.15
CA GLY A 177 -0.71 15.89 17.54
C GLY A 177 -0.84 14.71 18.48
N CYS A 178 -0.09 13.65 18.19
CA CYS A 178 -0.20 12.40 18.94
C CYS A 178 1.17 11.75 19.10
N TYR A 179 1.30 10.96 20.17
CA TYR A 179 2.50 10.17 20.40
C TYR A 179 2.49 8.95 19.48
N VAL A 180 3.59 8.69 18.79
CA VAL A 180 3.64 7.63 17.80
C VAL A 180 4.92 6.80 17.98
N VAL A 181 4.80 5.51 17.70
CA VAL A 181 5.93 4.58 17.72
C VAL A 181 5.81 3.67 16.51
N GLY A 182 6.95 3.35 15.88
CA GLY A 182 6.97 2.52 14.71
C GLY A 182 7.74 1.24 14.93
N SER A 183 7.59 0.32 13.98
CA SER A 183 8.18 -1.01 14.03
C SER A 183 8.50 -1.44 12.61
N ALA A 184 9.76 -1.79 12.38
CA ALA A 184 10.23 -2.28 11.09
C ALA A 184 11.21 -3.43 11.33
N GLY A 185 11.73 -3.99 10.24
CA GLY A 185 12.51 -5.21 10.34
C GLY A 185 13.96 -5.16 9.88
N SER A 186 14.67 -4.09 10.25
CA SER A 186 16.10 -3.98 9.97
C SER A 186 16.63 -2.77 10.73
N LYS A 187 17.88 -2.89 11.19
CA LYS A 187 18.53 -1.76 11.86
C LYS A 187 18.50 -0.52 10.97
N GLU A 188 18.81 -0.69 9.68
CA GLU A 188 18.80 0.42 8.75
C GLU A 188 17.44 1.12 8.74
N LYS A 189 16.36 0.35 8.76
CA LYS A 189 15.02 0.95 8.71
C LYS A 189 14.70 1.69 10.00
N VAL A 190 15.10 1.13 11.15
CA VAL A 190 14.70 1.70 12.43
C VAL A 190 15.24 3.11 12.60
N ASP A 191 16.56 3.27 12.47
CA ASP A 191 17.14 4.62 12.58
C ASP A 191 16.71 5.51 11.42
N LEU A 192 16.49 4.94 10.23
CA LEU A 192 15.85 5.68 9.15
C LEU A 192 14.47 6.16 9.60
N LEU A 193 13.65 5.25 10.11
CA LEU A 193 12.34 5.62 10.65
C LEU A 193 12.47 6.64 11.77
N LYS A 194 13.57 6.59 12.52
CA LYS A 194 13.79 7.52 13.62
C LYS A 194 14.29 8.87 13.13
N ASN A 195 15.27 8.86 12.22
CA ASN A 195 15.89 10.11 11.78
C ASN A 195 15.05 10.81 10.71
N LYS A 196 14.43 10.05 9.81
CA LYS A 196 13.83 10.65 8.63
C LYS A 196 12.43 11.17 8.90
N PHE A 197 11.66 10.47 9.74
CA PHE A 197 10.22 10.73 9.87
C PHE A 197 9.85 11.41 11.18
N GLY A 198 10.79 11.65 12.07
CA GLY A 198 10.46 12.27 13.34
C GLY A 198 9.58 11.42 14.24
N PHE A 199 9.65 10.10 14.09
CA PHE A 199 8.91 9.21 14.98
C PHE A 199 9.37 9.43 16.42
N ASP A 200 8.40 9.52 17.34
CA ASP A 200 8.72 9.69 18.75
C ASP A 200 9.58 8.55 19.28
N ASP A 201 9.50 7.37 18.66
CA ASP A 201 10.44 6.28 18.89
C ASP A 201 10.18 5.21 17.85
N ALA A 202 11.06 4.20 17.83
CA ALA A 202 10.94 3.08 16.91
C ALA A 202 11.83 1.95 17.42
N PHE A 203 11.66 0.78 16.82
CA PHE A 203 12.46 -0.39 17.20
C PHE A 203 12.39 -1.42 16.08
N ASN A 204 13.14 -2.49 16.26
CA ASN A 204 13.15 -3.64 15.37
C ASN A 204 12.42 -4.79 16.06
N TYR A 205 11.44 -5.38 15.37
CA TYR A 205 10.59 -6.37 16.02
C TYR A 205 11.26 -7.74 16.18
N LYS A 206 12.23 -8.08 15.34
CA LYS A 206 12.95 -9.32 15.53
C LYS A 206 14.20 -9.15 16.39
N GLU A 207 14.55 -7.91 16.76
CA GLU A 207 15.55 -7.70 17.80
C GLU A 207 15.02 -8.14 19.16
N GLU A 208 13.76 -7.80 19.45
CA GLU A 208 13.10 -8.26 20.66
C GLU A 208 12.37 -9.56 20.36
N SER A 209 12.82 -10.65 20.95
CA SER A 209 12.19 -11.95 20.77
C SER A 209 10.96 -12.16 21.65
N ASP A 210 10.34 -11.06 22.10
CA ASP A 210 9.11 -11.13 22.89
C ASP A 210 8.38 -9.81 22.67
N TYR A 211 7.32 -9.85 21.85
CA TYR A 211 6.66 -8.61 21.43
C TYR A 211 6.00 -7.90 22.60
N ASP A 212 5.43 -8.66 23.53
CA ASP A 212 4.70 -8.03 24.65
C ASP A 212 5.64 -7.22 25.53
N THR A 213 6.84 -7.75 25.81
CA THR A 213 7.79 -7.03 26.66
C THR A 213 8.22 -5.71 26.03
N ALA A 214 8.37 -5.70 24.71
CA ALA A 214 8.84 -4.50 24.01
C ALA A 214 7.77 -3.43 23.87
N LEU A 215 6.49 -3.77 24.02
CA LEU A 215 5.43 -2.81 23.79
C LEU A 215 5.11 -1.96 25.01
N LYS A 216 5.31 -2.49 26.22
CA LYS A 216 5.28 -1.63 27.40
C LYS A 216 6.59 -0.89 27.58
N ARG A 217 7.67 -1.39 26.97
CA ARG A 217 8.94 -0.66 26.95
C ARG A 217 8.78 0.69 26.27
N HIS A 218 7.87 0.80 25.30
CA HIS A 218 7.60 2.06 24.62
C HIS A 218 6.25 2.66 24.97
N PHE A 219 5.32 1.89 25.52
CA PHE A 219 3.99 2.36 25.89
C PHE A 219 3.68 1.96 27.32
N PRO A 220 4.22 2.68 28.31
CA PRO A 220 3.81 2.44 29.70
C PRO A 220 2.41 2.97 29.99
N GLU A 221 1.89 3.86 29.16
CA GLU A 221 0.56 4.43 29.31
C GLU A 221 -0.51 3.66 28.55
N GLY A 222 -0.13 2.61 27.83
CA GLY A 222 -1.06 1.91 26.97
C GLY A 222 -1.05 2.47 25.56
N ILE A 223 -1.85 1.86 24.70
CA ILE A 223 -1.97 2.28 23.30
C ILE A 223 -3.44 2.53 22.99
N ASP A 224 -3.71 3.58 22.22
CA ASP A 224 -5.05 3.92 21.78
C ASP A 224 -5.33 3.45 20.35
N ILE A 225 -4.40 3.68 19.44
CA ILE A 225 -4.63 3.47 18.02
C ILE A 225 -3.52 2.56 17.49
N TYR A 226 -3.91 1.54 16.73
CA TYR A 226 -2.96 0.59 16.14
C TYR A 226 -3.28 0.45 14.66
N PHE A 227 -2.33 0.83 13.81
CA PHE A 227 -2.44 0.64 12.37
C PHE A 227 -1.77 -0.69 12.03
N ASP A 228 -2.57 -1.70 11.71
CA ASP A 228 -2.09 -3.07 11.57
C ASP A 228 -1.75 -3.34 10.12
N ASN A 229 -0.46 -3.59 9.86
CA ASN A 229 0.01 -4.07 8.56
C ASN A 229 0.60 -5.47 8.63
N VAL A 230 0.70 -6.06 9.83
CA VAL A 230 1.38 -7.32 10.05
C VAL A 230 0.43 -8.40 10.54
N GLY A 231 -0.37 -8.09 11.57
CA GLY A 231 -1.22 -9.12 12.14
C GLY A 231 -0.41 -10.12 12.95
N GLY A 232 -0.90 -11.37 12.95
CA GLY A 232 -0.20 -12.42 13.66
C GLY A 232 -0.20 -12.21 15.16
N LYS A 233 0.83 -12.74 15.81
CA LYS A 233 0.95 -12.61 17.26
C LYS A 233 1.43 -11.22 17.69
N MET A 234 1.88 -10.39 16.76
CA MET A 234 2.07 -8.98 17.08
C MET A 234 0.74 -8.31 17.37
N LEU A 235 -0.30 -8.69 16.63
CA LEU A 235 -1.65 -8.23 16.95
C LEU A 235 -2.10 -8.77 18.31
N GLU A 236 -1.67 -9.97 18.69
CA GLU A 236 -1.94 -10.48 20.03
C GLU A 236 -1.33 -9.56 21.08
N ALA A 237 -0.10 -9.11 20.87
CA ALA A 237 0.57 -8.27 21.86
C ALA A 237 -0.08 -6.90 21.95
N VAL A 238 -0.56 -6.36 20.83
CA VAL A 238 -1.19 -5.05 20.83
C VAL A 238 -2.44 -5.06 21.70
N ILE A 239 -3.30 -6.05 21.50
CA ILE A 239 -4.56 -6.13 22.23
C ILE A 239 -4.30 -6.20 23.73
N ASN A 240 -3.22 -6.89 24.13
CA ASN A 240 -2.85 -6.96 25.54
C ASN A 240 -2.41 -5.62 26.11
N ASN A 241 -2.10 -4.64 25.26
CA ASN A 241 -1.64 -3.33 25.70
C ASN A 241 -2.58 -2.19 25.34
N MET A 242 -3.74 -2.49 24.74
CA MET A 242 -4.64 -1.44 24.31
C MET A 242 -5.31 -0.77 25.50
N ARG A 243 -5.43 0.56 25.43
CA ARG A 243 -6.25 1.27 26.40
C ARG A 243 -7.72 1.03 26.11
N VAL A 244 -8.56 1.37 27.09
CA VAL A 244 -9.99 1.23 26.91
C VAL A 244 -10.45 2.14 25.77
N HIS A 245 -11.41 1.65 24.98
CA HIS A 245 -11.93 2.33 23.80
C HIS A 245 -10.88 2.49 22.70
N GLY A 246 -9.85 1.65 22.71
CA GLY A 246 -8.88 1.68 21.63
C GLY A 246 -9.46 1.17 20.32
N ARG A 247 -8.76 1.47 19.24
CA ARG A 247 -9.21 1.11 17.91
C ARG A 247 -8.07 0.56 17.08
N ILE A 248 -8.38 -0.42 16.24
CA ILE A 248 -7.39 -1.13 15.42
C ILE A 248 -7.86 -1.08 13.97
N ALA A 249 -7.17 -0.32 13.13
CA ALA A 249 -7.43 -0.29 11.70
C ALA A 249 -6.55 -1.34 11.03
N VAL A 250 -7.17 -2.37 10.47
CA VAL A 250 -6.44 -3.49 9.88
C VAL A 250 -6.33 -3.24 8.38
N CYS A 251 -5.13 -2.85 7.94
CA CYS A 251 -4.83 -2.64 6.53
C CYS A 251 -4.19 -3.87 5.87
N GLY A 252 -3.28 -4.53 6.56
CA GLY A 252 -2.64 -5.72 6.03
C GLY A 252 -2.33 -6.70 7.14
N MET A 253 -2.07 -7.95 6.74
CA MET A 253 -1.63 -9.00 7.65
C MET A 253 -0.52 -9.77 6.93
N VAL A 254 0.68 -9.21 6.97
CA VAL A 254 1.79 -9.74 6.18
C VAL A 254 2.40 -10.99 6.80
N SER A 255 2.24 -11.21 8.10
CA SER A 255 2.81 -12.39 8.74
C SER A 255 2.20 -13.68 8.22
N GLN A 256 0.99 -13.63 7.67
CA GLN A 256 0.31 -14.83 7.19
C GLN A 256 0.57 -15.13 5.72
N TYR A 257 1.11 -14.16 4.97
CA TYR A 257 1.44 -14.41 3.57
C TYR A 257 2.51 -15.46 3.41
N SER A 258 3.31 -15.69 4.44
CA SER A 258 4.51 -16.51 4.29
C SER A 258 4.20 -18.00 4.38
N LEU A 259 3.25 -18.39 5.23
CA LEU A 259 3.07 -19.80 5.54
C LEU A 259 1.60 -20.12 5.74
N LYS A 260 1.24 -21.36 5.42
CA LYS A 260 -0.06 -21.89 5.77
C LYS A 260 -0.19 -22.02 7.29
N GLN A 261 -1.39 -22.36 7.74
CA GLN A 261 -1.72 -22.42 9.16
C GLN A 261 -1.28 -21.14 9.85
N PRO A 262 -1.96 -20.02 9.58
CA PRO A 262 -1.49 -18.74 10.13
C PRO A 262 -1.53 -18.73 11.64
N GLU A 263 -0.72 -17.84 12.23
CA GLU A 263 -0.63 -17.73 13.67
C GLU A 263 -1.99 -17.39 14.27
N GLY A 264 -2.30 -18.00 15.41
CA GLY A 264 -3.57 -17.79 16.06
C GLY A 264 -3.52 -16.62 17.04
N VAL A 265 -4.67 -15.97 17.19
CA VAL A 265 -4.86 -14.91 18.18
C VAL A 265 -5.80 -15.44 19.26
N HIS A 266 -5.32 -15.45 20.50
CA HIS A 266 -6.08 -16.05 21.60
C HIS A 266 -6.68 -15.04 22.55
N ASN A 267 -6.16 -13.81 22.60
CA ASN A 267 -6.65 -12.79 23.53
C ASN A 267 -7.77 -11.95 22.94
N LEU A 268 -8.64 -12.54 22.12
CA LEU A 268 -9.79 -11.80 21.62
C LEU A 268 -10.79 -11.48 22.72
N LEU A 269 -10.68 -12.15 23.88
CA LEU A 269 -11.55 -11.82 25.01
C LEU A 269 -11.35 -10.39 25.46
N LYS A 270 -10.10 -9.89 25.37
CA LYS A 270 -9.79 -8.54 25.82
C LYS A 270 -10.59 -7.47 25.09
N LEU A 271 -11.19 -7.79 23.94
CA LEU A 271 -11.93 -6.79 23.19
C LEU A 271 -13.13 -6.26 23.97
N ILE A 272 -13.67 -7.05 24.88
CA ILE A 272 -14.88 -6.67 25.61
C ILE A 272 -14.56 -5.77 26.80
N PRO A 273 -13.66 -6.14 27.73
CA PRO A 273 -13.46 -5.30 28.91
C PRO A 273 -12.82 -3.95 28.61
N LYS A 274 -12.07 -3.80 27.51
CA LYS A 274 -11.53 -2.52 27.12
C LYS A 274 -12.14 -1.98 25.84
N GLN A 275 -13.24 -2.58 25.38
CA GLN A 275 -14.11 -2.02 24.33
C GLN A 275 -13.31 -1.61 23.10
N ILE A 276 -12.62 -2.59 22.51
CA ILE A 276 -11.79 -2.36 21.34
C ILE A 276 -12.62 -2.45 20.08
N ARG A 277 -12.48 -1.47 19.20
CA ARG A 277 -13.06 -1.52 17.86
C ARG A 277 -11.97 -1.95 16.88
N MET A 278 -12.20 -3.07 16.20
CA MET A 278 -11.29 -3.58 15.18
C MET A 278 -12.02 -3.63 13.86
N GLN A 279 -11.45 -2.99 12.84
CA GLN A 279 -12.12 -2.88 11.55
C GLN A 279 -11.12 -3.12 10.44
N GLY A 280 -11.42 -4.10 9.58
CA GLY A 280 -10.70 -4.23 8.33
C GLY A 280 -11.22 -3.26 7.29
N PHE A 281 -10.34 -2.83 6.40
CA PHE A 281 -10.71 -1.80 5.44
C PHE A 281 -9.82 -1.90 4.21
N VAL A 282 -10.34 -1.40 3.09
CA VAL A 282 -9.58 -1.23 1.87
C VAL A 282 -9.83 0.19 1.36
N VAL A 283 -8.85 0.70 0.61
CA VAL A 283 -8.83 2.13 0.29
C VAL A 283 -9.96 2.52 -0.67
N VAL A 284 -10.43 1.59 -1.50
CA VAL A 284 -11.33 1.94 -2.59
C VAL A 284 -12.65 2.48 -2.07
N ASP A 285 -13.03 2.12 -0.85
CA ASP A 285 -14.29 2.58 -0.28
C ASP A 285 -14.22 3.99 0.29
N TYR A 286 -13.06 4.65 0.21
CA TYR A 286 -12.86 5.98 0.77
C TYR A 286 -12.20 6.89 -0.26
N TYR A 287 -12.60 6.77 -1.52
CA TYR A 287 -12.02 7.58 -2.57
C TYR A 287 -12.72 8.92 -2.76
N HIS A 288 -13.96 9.05 -2.27
CA HIS A 288 -14.64 10.34 -2.33
C HIS A 288 -14.04 11.37 -1.38
N LEU A 289 -13.01 11.01 -0.62
CA LEU A 289 -12.31 11.92 0.27
C LEU A 289 -10.90 12.23 -0.23
N TYR A 290 -10.55 11.79 -1.43
CA TYR A 290 -9.26 12.14 -2.00
C TYR A 290 -9.08 13.64 -2.21
N PRO A 291 -10.09 14.44 -2.58
CA PRO A 291 -9.90 15.90 -2.65
C PRO A 291 -9.42 16.49 -1.33
N LYS A 292 -10.16 16.26 -0.24
CA LYS A 292 -9.73 16.78 1.06
C LYS A 292 -8.44 16.13 1.53
N PHE A 293 -8.04 15.01 0.94
CA PHE A 293 -6.73 14.44 1.23
C PHE A 293 -5.64 15.26 0.56
N LEU A 294 -5.81 15.59 -0.72
CA LEU A 294 -4.74 16.21 -1.50
C LEU A 294 -4.50 17.65 -1.05
N GLU A 295 -5.57 18.43 -0.87
CA GLU A 295 -5.40 19.82 -0.43
C GLU A 295 -4.83 19.90 0.98
N MET A 296 -4.88 18.81 1.74
CA MET A 296 -4.22 18.78 3.03
C MET A 296 -2.73 18.49 2.88
N VAL A 297 -2.37 17.58 1.97
CA VAL A 297 -0.97 17.26 1.73
C VAL A 297 -0.28 18.32 0.89
N LEU A 298 -1.03 19.08 0.09
CA LEU A 298 -0.51 20.07 -0.86
C LEU A 298 0.55 20.98 -0.23
N PRO A 299 0.27 21.67 0.89
CA PRO A 299 1.31 22.55 1.43
C PRO A 299 2.45 21.80 2.09
N ARG A 300 2.14 20.73 2.81
CA ARG A 300 3.12 20.07 3.69
C ARG A 300 4.19 19.35 2.90
N ILE A 301 4.18 19.50 1.58
CA ILE A 301 5.17 18.85 0.72
C ILE A 301 6.40 19.75 0.57
N LYS A 302 6.23 20.90 -0.08
CA LYS A 302 7.37 21.72 -0.45
C LYS A 302 7.91 22.57 0.69
N GLU A 303 7.22 22.65 1.82
CA GLU A 303 7.81 23.21 3.02
C GLU A 303 8.71 22.20 3.73
N GLY A 304 8.87 21.00 3.18
CA GLY A 304 9.64 19.95 3.81
C GLY A 304 8.99 19.34 5.02
N LYS A 305 7.70 19.60 5.25
CA LYS A 305 7.05 19.13 6.46
C LYS A 305 6.90 17.61 6.47
N VAL A 306 6.59 17.01 5.33
CA VAL A 306 6.49 15.56 5.21
C VAL A 306 7.47 15.08 4.15
N THR A 307 7.80 13.79 4.22
CA THR A 307 8.70 13.19 3.25
C THR A 307 8.20 11.80 2.89
N TYR A 308 8.95 11.13 2.01
CA TYR A 308 8.59 9.82 1.50
C TYR A 308 9.78 9.28 0.70
N VAL A 309 9.94 7.96 0.57
CA VAL A 309 11.06 7.41 -0.19
C VAL A 309 10.59 6.17 -0.93
N GLU A 310 11.32 5.81 -1.98
CA GLU A 310 10.92 4.68 -2.81
C GLU A 310 12.01 3.64 -2.93
N ASP A 311 11.85 2.71 -3.87
CA ASP A 311 12.80 1.66 -4.15
C ASP A 311 12.66 1.33 -5.64
N ILE A 312 13.08 2.29 -6.48
CA ILE A 312 12.82 2.19 -7.91
C ILE A 312 13.56 0.99 -8.50
N SER A 313 12.86 0.27 -9.40
CA SER A 313 13.41 -0.91 -10.07
C SER A 313 12.96 -0.82 -11.53
N GLU A 314 13.74 -0.12 -12.34
CA GLU A 314 13.34 0.15 -13.72
C GLU A 314 13.14 -1.09 -14.58
N GLY A 315 12.12 -1.03 -15.42
CA GLY A 315 11.80 -2.07 -16.38
C GLY A 315 10.74 -3.08 -15.94
N LEU A 316 10.01 -3.61 -16.93
CA LEU A 316 8.96 -4.60 -16.72
C LEU A 316 9.46 -5.93 -16.18
N GLU A 317 10.61 -6.36 -16.69
CA GLU A 317 11.13 -7.69 -16.43
C GLU A 317 11.40 -7.91 -14.95
N SER A 318 11.90 -6.87 -14.29
CA SER A 318 12.26 -6.96 -12.88
C SER A 318 11.08 -7.28 -11.99
N ALA A 319 9.92 -6.71 -12.31
CA ALA A 319 8.77 -6.78 -11.42
C ALA A 319 8.70 -8.10 -10.64
N PRO A 320 8.96 -9.27 -11.26
CA PRO A 320 9.00 -10.49 -10.45
C PRO A 320 10.04 -10.46 -9.35
N SER A 321 11.25 -9.99 -9.64
CA SER A 321 12.27 -9.89 -8.59
C SER A 321 11.91 -8.81 -7.58
N ALA A 322 11.18 -7.78 -7.98
CA ALA A 322 10.74 -6.74 -7.06
C ALA A 322 9.56 -7.18 -6.20
N LEU A 323 8.82 -8.20 -6.63
CA LEU A 323 7.68 -8.68 -5.83
C LEU A 323 8.14 -9.57 -4.69
N LEU A 324 9.18 -10.38 -4.91
CA LEU A 324 9.76 -11.13 -3.81
C LEU A 324 10.46 -10.21 -2.80
N GLY A 325 10.80 -8.99 -3.22
CA GLY A 325 11.41 -8.06 -2.28
C GLY A 325 10.46 -7.61 -1.19
N VAL A 326 9.21 -7.34 -1.54
CA VAL A 326 8.23 -6.97 -0.53
C VAL A 326 7.66 -8.21 0.16
N TYR A 327 7.70 -9.36 -0.50
CA TYR A 327 7.16 -10.59 0.10
C TYR A 327 7.97 -11.01 1.31
N VAL A 328 9.31 -10.93 1.22
CA VAL A 328 10.18 -11.32 2.32
C VAL A 328 10.65 -10.12 3.13
N GLY A 329 10.31 -8.91 2.72
CA GLY A 329 10.64 -7.72 3.47
C GLY A 329 11.98 -7.08 3.15
N ARG A 330 12.64 -7.50 2.07
CA ARG A 330 13.95 -6.94 1.73
C ARG A 330 13.84 -5.52 1.19
N ASN A 331 12.66 -5.10 0.77
CA ASN A 331 12.48 -3.77 0.19
C ASN A 331 12.54 -2.69 1.27
N VAL A 332 12.71 -1.45 0.83
CA VAL A 332 12.72 -0.28 1.70
C VAL A 332 11.80 0.76 1.09
N GLY A 333 10.91 1.31 1.91
CA GLY A 333 10.01 2.36 1.41
C GLY A 333 8.93 1.77 0.53
N ASN A 334 8.82 2.32 -0.68
CA ASN A 334 7.76 1.94 -1.62
C ASN A 334 8.40 1.29 -2.84
N GLN A 335 7.99 0.06 -3.13
CA GLN A 335 8.50 -0.66 -4.30
C GLN A 335 7.71 -0.21 -5.52
N VAL A 336 8.38 0.44 -6.46
CA VAL A 336 7.76 0.95 -7.68
C VAL A 336 8.61 0.50 -8.86
N VAL A 337 7.97 -0.01 -9.90
CA VAL A 337 8.64 -0.50 -11.10
C VAL A 337 8.29 0.43 -12.27
N ALA A 338 9.30 0.76 -13.07
CA ALA A 338 9.14 1.61 -14.24
C ALA A 338 9.20 0.75 -15.50
N VAL A 339 8.25 0.96 -16.40
CA VAL A 339 8.15 0.14 -17.61
C VAL A 339 8.64 0.92 -18.82
N SER A 340 8.58 2.24 -18.75
CA SER A 340 9.08 3.08 -19.84
C SER A 340 9.39 4.46 -19.28
N ARG A 341 10.25 5.18 -20.01
CA ARG A 341 10.74 6.49 -19.58
C ARG A 341 11.45 6.39 -18.23
#